data_5JEK
#
_entry.id   5JEK
#
_cell.length_a   38.800
_cell.length_b   104.910
_cell.length_c   66.270
_cell.angle_alpha   90.00
_cell.angle_beta   106.13
_cell.angle_gamma   90.00
#
_symmetry.space_group_name_H-M   'P 1 21 1'
#
loop_
_entity.id
_entity.type
_entity.pdbx_description
1 polymer 'Interferon regulatory factor 3'
2 polymer 'MAVS peptide'
3 water water
#
loop_
_entity_poly.entity_id
_entity_poly.type
_entity_poly.pdbx_seq_one_letter_code
_entity_poly.pdbx_strand_id
1 'polypeptide(L)'
;SEFENPLKRLLVPGEEWEFEVTAFYRGRQVFQQTISCPEGLRLVGSEVGDRTLPGWPVTLPDPGMSLTDRGVMSYVRHVL
SCLGGGLALWRAGQWLWAQRLGHCHTYWAVSEELLPNSGHGPDGEVPKDKEGGVFDLGPFIVDLITFTEGSGRSPRYALW
FCVGESWPQDQPWTKRLVMVKVVPTCLRALVEMARVGGASSLENTVDLHISNSHPLSLTSDQYKAYLQDLVEGMDFQGPG
ES
;
A,B
2 'polypeptide(L)' SGCFEDLAI(SEP)ASTSLGWG C,D
#
# COMPACT_ATOMS: atom_id res chain seq x y z
N GLU A 4 31.68 -20.44 -22.25
CA GLU A 4 32.04 -19.87 -23.54
C GLU A 4 30.85 -19.23 -24.23
N ASN A 5 29.68 -19.84 -24.10
CA ASN A 5 28.43 -19.25 -24.60
C ASN A 5 28.02 -18.11 -23.69
N PRO A 6 28.08 -16.87 -24.21
CA PRO A 6 27.78 -15.69 -23.38
C PRO A 6 26.31 -15.57 -23.02
N LEU A 7 25.44 -16.26 -23.75
CA LEU A 7 24.01 -16.20 -23.46
C LEU A 7 23.65 -17.10 -22.29
N LYS A 8 24.50 -18.08 -21.99
CA LYS A 8 24.24 -18.99 -20.88
C LYS A 8 24.39 -18.30 -19.52
N ARG A 9 24.87 -17.06 -19.54
CA ARG A 9 24.94 -16.25 -18.34
C ARG A 9 23.53 -15.99 -17.80
N LEU A 10 22.55 -15.99 -18.70
CA LEU A 10 21.16 -15.78 -18.33
C LEU A 10 20.63 -16.80 -17.33
N LEU A 11 21.18 -18.00 -17.36
CA LEU A 11 20.67 -19.09 -16.52
C LEU A 11 21.63 -19.49 -15.41
N VAL A 12 22.73 -18.75 -15.29
CA VAL A 12 23.72 -19.02 -14.24
C VAL A 12 23.11 -18.77 -12.86
N PRO A 13 23.23 -19.76 -11.96
CA PRO A 13 22.76 -19.64 -10.58
C PRO A 13 23.35 -18.45 -9.84
N GLY A 14 22.50 -17.50 -9.47
CA GLY A 14 22.95 -16.31 -8.76
C GLY A 14 22.76 -15.04 -9.57
N GLU A 15 22.54 -15.20 -10.87
CA GLU A 15 22.33 -14.07 -11.75
C GLU A 15 21.00 -13.38 -11.47
N GLU A 16 20.97 -12.06 -11.67
CA GLU A 16 19.78 -11.26 -11.40
C GLU A 16 19.34 -10.47 -12.63
N TRP A 17 18.21 -10.85 -13.21
CA TRP A 17 17.65 -10.13 -14.35
C TRP A 17 17.11 -8.78 -13.92
N GLU A 18 17.13 -7.81 -14.83
CA GLU A 18 16.49 -6.53 -14.59
C GLU A 18 15.03 -6.58 -15.08
N PHE A 19 14.10 -6.25 -14.18
CA PHE A 19 12.70 -6.24 -14.53
C PHE A 19 12.15 -4.82 -14.59
N GLU A 20 11.77 -4.38 -15.78
CA GLU A 20 11.15 -3.07 -15.95
C GLU A 20 9.66 -3.16 -15.62
N VAL A 21 9.24 -2.43 -14.60
CA VAL A 21 7.85 -2.46 -14.16
C VAL A 21 7.14 -1.15 -14.46
N THR A 22 6.08 -1.24 -15.26
CA THR A 22 5.31 -0.06 -15.64
C THR A 22 3.86 -0.21 -15.20
N ALA A 23 3.36 0.76 -14.44
CA ALA A 23 2.01 0.69 -13.92
C ALA A 23 1.07 1.67 -14.64
N PHE A 24 -0.17 1.24 -14.84
CA PHE A 24 -1.17 2.08 -15.51
C PHE A 24 -2.45 2.20 -14.69
N TYR A 25 -2.90 3.43 -14.48
CA TYR A 25 -4.21 3.67 -13.88
C TYR A 25 -5.17 4.14 -14.97
N ARG A 26 -6.10 3.26 -15.34
CA ARG A 26 -7.04 3.54 -16.43
C ARG A 26 -6.34 3.96 -17.71
N GLY A 27 -5.36 3.15 -18.13
CA GLY A 27 -4.66 3.39 -19.37
C GLY A 27 -3.67 4.55 -19.32
N ARG A 28 -3.41 5.05 -18.12
CA ARG A 28 -2.49 6.17 -17.94
C ARG A 28 -1.28 5.72 -17.13
N GLN A 29 -0.09 5.84 -17.73
CA GLN A 29 1.15 5.47 -17.06
C GLN A 29 1.40 6.36 -15.85
N VAL A 30 1.53 5.74 -14.68
CA VAL A 30 1.68 6.48 -13.44
C VAL A 30 2.95 6.07 -12.69
N PHE A 31 3.63 5.05 -13.19
CA PHE A 31 4.81 4.52 -12.51
C PHE A 31 5.67 3.68 -13.45
N GLN A 32 6.98 3.86 -13.35
CA GLN A 32 7.93 3.03 -14.06
C GLN A 32 9.26 2.94 -13.33
N GLN A 33 9.70 1.72 -13.06
CA GLN A 33 10.96 1.50 -12.35
C GLN A 33 11.58 0.15 -12.70
N THR A 34 12.90 0.12 -12.80
CA THR A 34 13.63 -1.12 -13.06
C THR A 34 14.26 -1.63 -11.77
N ILE A 35 14.05 -2.91 -11.47
CA ILE A 35 14.61 -3.49 -10.26
C ILE A 35 15.40 -4.76 -10.53
N SER A 36 16.38 -5.03 -9.66
CA SER A 36 17.16 -6.26 -9.69
C SER A 36 17.19 -6.88 -8.31
N CYS A 37 16.64 -8.07 -8.16
CA CYS A 37 16.56 -8.71 -6.86
C CYS A 37 16.49 -10.22 -6.99
N PRO A 38 17.33 -10.93 -6.22
CA PRO A 38 17.38 -12.41 -6.22
C PRO A 38 16.04 -13.03 -5.86
N GLU A 39 15.30 -12.39 -4.96
CA GLU A 39 14.02 -12.90 -4.51
C GLU A 39 12.86 -12.36 -5.34
N GLY A 40 13.20 -11.68 -6.44
CA GLY A 40 12.19 -11.12 -7.32
C GLY A 40 11.59 -9.84 -6.78
N LEU A 41 10.37 -9.54 -7.22
CA LEU A 41 9.69 -8.31 -6.80
C LEU A 41 8.31 -8.61 -6.20
N ARG A 42 7.75 -7.60 -5.54
CA ARG A 42 6.38 -7.69 -5.02
C ARG A 42 5.66 -6.37 -5.24
N LEU A 43 4.61 -6.40 -6.05
CA LEU A 43 3.80 -5.22 -6.30
C LEU A 43 2.89 -4.95 -5.11
N VAL A 44 3.18 -3.90 -4.36
CA VAL A 44 2.39 -3.58 -3.17
C VAL A 44 1.63 -2.27 -3.34
N GLY A 45 0.73 -1.99 -2.40
CA GLY A 45 -0.13 -0.83 -2.49
C GLY A 45 0.25 0.34 -1.60
N SER A 46 1.12 0.09 -0.62
CA SER A 46 1.56 1.16 0.27
C SER A 46 3.01 0.99 0.71
N GLU A 47 3.54 2.01 1.39
CA GLU A 47 4.91 1.96 1.88
C GLU A 47 4.99 1.09 3.13
N VAL A 48 3.90 1.04 3.88
CA VAL A 48 3.81 0.20 5.06
C VAL A 48 3.16 -1.12 4.70
N GLY A 49 3.96 -2.09 4.28
CA GLY A 49 3.45 -3.37 3.86
C GLY A 49 3.70 -4.47 4.87
N ASP A 50 4.78 -5.21 4.67
CA ASP A 50 5.13 -6.33 5.54
C ASP A 50 6.53 -6.80 5.20
N ARG A 51 7.52 -6.16 5.82
CA ARG A 51 8.90 -6.59 5.67
C ARG A 51 9.09 -7.88 6.48
N THR A 52 9.32 -8.97 5.74
CA THR A 52 9.52 -10.33 6.23
C THR A 52 9.41 -11.13 4.96
N LEU A 53 8.43 -10.76 4.15
CA LEU A 53 8.26 -11.30 2.81
C LEU A 53 9.44 -10.89 1.94
N PRO A 54 10.10 -11.87 1.32
CA PRO A 54 11.26 -11.61 0.45
C PRO A 54 10.82 -10.92 -0.84
N GLY A 55 11.78 -10.38 -1.59
CA GLY A 55 11.47 -9.67 -2.81
C GLY A 55 11.42 -8.17 -2.63
N TRP A 56 11.93 -7.44 -3.62
CA TRP A 56 11.95 -5.99 -3.58
C TRP A 56 10.52 -5.44 -3.72
N PRO A 57 10.06 -4.71 -2.70
CA PRO A 57 8.70 -4.14 -2.69
C PRO A 57 8.55 -2.99 -3.68
N VAL A 58 7.66 -3.17 -4.65
CA VAL A 58 7.39 -2.14 -5.65
C VAL A 58 6.06 -1.45 -5.35
N THR A 59 6.14 -0.28 -4.72
CA THR A 59 4.95 0.43 -4.27
C THR A 59 4.28 1.20 -5.40
N LEU A 60 3.09 0.77 -5.77
CA LEU A 60 2.28 1.50 -6.75
C LEU A 60 1.85 2.84 -6.15
N PRO A 61 2.00 3.93 -6.92
CA PRO A 61 1.78 5.29 -6.42
C PRO A 61 0.31 5.59 -6.12
N ASP A 62 0.10 6.59 -5.28
CA ASP A 62 -1.25 7.06 -4.97
C ASP A 62 -1.83 7.79 -6.18
N PRO A 63 -3.04 7.38 -6.60
CA PRO A 63 -3.70 7.94 -7.79
C PRO A 63 -3.92 9.45 -7.72
N GLY A 64 -3.90 10.01 -6.52
CA GLY A 64 -4.10 11.44 -6.33
C GLY A 64 -2.97 12.28 -6.90
N MET A 65 -1.86 11.63 -7.23
CA MET A 65 -0.70 12.33 -7.77
C MET A 65 -0.72 12.40 -9.30
N SER A 66 -1.70 11.75 -9.91
CA SER A 66 -1.75 11.66 -11.37
C SER A 66 -3.16 11.79 -11.95
N LEU A 67 -4.17 11.41 -11.18
CA LEU A 67 -5.55 11.40 -11.69
C LEU A 67 -6.39 12.54 -11.14
N THR A 68 -7.49 12.83 -11.82
CA THR A 68 -8.41 13.88 -11.38
C THR A 68 -9.83 13.33 -11.20
N ASP A 69 -10.09 12.17 -11.77
CA ASP A 69 -11.39 11.53 -11.63
C ASP A 69 -11.54 10.98 -10.21
N ARG A 70 -12.39 11.64 -9.42
CA ARG A 70 -12.58 11.26 -8.02
C ARG A 70 -13.12 9.85 -7.88
N GLY A 71 -13.96 9.44 -8.83
CA GLY A 71 -14.51 8.08 -8.82
C GLY A 71 -13.43 7.04 -9.06
N VAL A 72 -12.56 7.32 -10.04
CA VAL A 72 -11.47 6.42 -10.37
C VAL A 72 -10.44 6.39 -9.24
N MET A 73 -10.14 7.57 -8.69
CA MET A 73 -9.21 7.68 -7.57
C MET A 73 -9.65 6.81 -6.40
N SER A 74 -10.93 6.90 -6.06
CA SER A 74 -11.48 6.11 -4.95
C SER A 74 -11.39 4.60 -5.20
N TYR A 75 -11.68 4.19 -6.43
CA TYR A 75 -11.66 2.77 -6.77
C TYR A 75 -10.24 2.23 -6.84
N VAL A 76 -9.33 3.05 -7.35
CA VAL A 76 -7.92 2.66 -7.41
C VAL A 76 -7.34 2.54 -6.01
N ARG A 77 -7.69 3.49 -5.15
CA ARG A 77 -7.22 3.48 -3.76
C ARG A 77 -7.69 2.25 -3.01
N HIS A 78 -8.90 1.78 -3.32
CA HIS A 78 -9.45 0.60 -2.69
C HIS A 78 -8.73 -0.65 -3.18
N VAL A 79 -8.30 -0.63 -4.43
CA VAL A 79 -7.53 -1.74 -5.00
C VAL A 79 -6.16 -1.83 -4.35
N LEU A 80 -5.51 -0.68 -4.21
CA LEU A 80 -4.17 -0.62 -3.61
C LEU A 80 -4.19 -1.03 -2.14
N SER A 81 -5.23 -0.62 -1.43
CA SER A 81 -5.32 -0.89 0.02
C SER A 81 -5.65 -2.35 0.30
N CYS A 82 -6.10 -3.07 -0.72
CA CYS A 82 -6.44 -4.48 -0.57
C CYS A 82 -5.35 -5.39 -1.11
N LEU A 83 -4.26 -4.78 -1.59
CA LEU A 83 -3.15 -5.54 -2.16
C LEU A 83 -2.46 -6.40 -1.12
N GLY A 84 -2.41 -5.91 0.12
CA GLY A 84 -1.78 -6.62 1.21
C GLY A 84 -0.34 -6.99 0.91
N GLY A 85 -0.02 -8.26 1.02
CA GLY A 85 1.31 -8.76 0.70
C GLY A 85 1.70 -8.43 -0.73
N GLY A 86 0.71 -8.43 -1.61
CA GLY A 86 0.92 -8.01 -2.99
C GLY A 86 1.12 -9.13 -3.98
N LEU A 87 1.53 -8.76 -5.18
CA LEU A 87 1.78 -9.72 -6.25
C LEU A 87 3.27 -9.97 -6.42
N ALA A 88 3.70 -11.19 -6.09
CA ALA A 88 5.12 -11.53 -6.14
C ALA A 88 5.52 -12.15 -7.47
N LEU A 89 6.58 -11.61 -8.07
CA LEU A 89 7.12 -12.16 -9.30
C LEU A 89 8.62 -12.40 -9.16
N TRP A 90 9.02 -13.66 -9.27
CA TRP A 90 10.43 -14.01 -9.16
C TRP A 90 10.85 -14.99 -10.24
N ARG A 91 12.16 -15.19 -10.37
CA ARG A 91 12.70 -16.10 -11.38
C ARG A 91 13.40 -17.29 -10.75
N ALA A 92 13.20 -18.46 -11.34
CA ALA A 92 13.85 -19.68 -10.89
C ALA A 92 14.27 -20.52 -12.09
N GLY A 93 15.53 -20.34 -12.51
CA GLY A 93 16.03 -21.04 -13.68
C GLY A 93 15.53 -20.41 -14.96
N GLN A 94 14.79 -21.18 -15.74
CA GLN A 94 14.26 -20.71 -17.02
C GLN A 94 12.81 -20.28 -16.87
N TRP A 95 12.33 -20.21 -15.63
CA TRP A 95 10.92 -19.91 -15.37
C TRP A 95 10.72 -18.63 -14.58
N LEU A 96 9.66 -17.91 -14.92
CA LEU A 96 9.20 -16.78 -14.12
C LEU A 96 7.97 -17.22 -13.33
N TRP A 97 8.02 -17.08 -12.02
CA TRP A 97 6.92 -17.53 -11.17
C TRP A 97 6.15 -16.35 -10.57
N ALA A 98 4.85 -16.54 -10.38
CA ALA A 98 4.01 -15.50 -9.81
C ALA A 98 3.12 -16.07 -8.72
N GLN A 99 2.89 -15.28 -7.66
CA GLN A 99 2.02 -15.70 -6.57
C GLN A 99 1.32 -14.50 -5.95
N ARG A 100 0.04 -14.65 -5.67
CA ARG A 100 -0.74 -13.62 -5.00
C ARG A 100 -0.66 -13.76 -3.49
N LEU A 101 -0.30 -12.67 -2.81
CA LEU A 101 -0.11 -12.70 -1.37
C LEU A 101 -1.16 -11.88 -0.64
N GLY A 102 -2.07 -11.26 -1.41
CA GLY A 102 -3.11 -10.43 -0.83
C GLY A 102 -4.51 -10.95 -1.12
N HIS A 103 -5.45 -10.04 -1.30
CA HIS A 103 -6.83 -10.41 -1.56
C HIS A 103 -7.28 -9.97 -2.95
N CYS A 104 -6.43 -9.23 -3.65
CA CYS A 104 -6.74 -8.74 -4.98
C CYS A 104 -6.44 -9.78 -6.06
N HIS A 105 -7.48 -10.43 -6.58
CA HIS A 105 -7.33 -11.37 -7.68
C HIS A 105 -6.59 -10.72 -8.84
N THR A 106 -5.56 -11.40 -9.32
CA THR A 106 -4.74 -10.87 -10.40
C THR A 106 -4.71 -11.85 -11.57
N TYR A 107 -4.93 -11.32 -12.77
CA TYR A 107 -4.91 -12.13 -13.97
C TYR A 107 -3.78 -11.69 -14.88
N TRP A 108 -2.96 -12.65 -15.32
CA TRP A 108 -1.77 -12.35 -16.09
C TRP A 108 -1.90 -12.78 -17.54
N ALA A 109 -1.06 -12.21 -18.40
CA ALA A 109 -1.01 -12.57 -19.81
C ALA A 109 0.30 -12.11 -20.43
N VAL A 110 0.88 -12.96 -21.28
CA VAL A 110 2.06 -12.58 -22.04
C VAL A 110 1.62 -11.94 -23.36
N SER A 111 1.97 -10.67 -23.56
CA SER A 111 1.51 -9.94 -24.72
C SER A 111 2.58 -9.01 -25.29
N GLU A 112 2.15 -8.01 -26.04
CA GLU A 112 3.05 -7.07 -26.69
C GLU A 112 3.55 -6.00 -25.72
N GLU A 113 4.49 -5.18 -26.18
CA GLU A 113 4.99 -4.06 -25.40
C GLU A 113 3.85 -3.10 -25.09
N LEU A 114 3.00 -2.90 -26.08
CA LEU A 114 1.76 -2.14 -25.91
C LEU A 114 0.57 -3.07 -26.10
N LEU A 115 -0.33 -3.09 -25.12
CA LEU A 115 -1.52 -3.91 -25.20
C LEU A 115 -2.36 -3.54 -26.41
N PRO A 116 -2.67 -4.53 -27.26
CA PRO A 116 -3.35 -4.31 -28.54
C PRO A 116 -4.75 -3.70 -28.37
N ASN A 117 -5.12 -2.83 -29.30
CA ASN A 117 -6.43 -2.20 -29.31
C ASN A 117 -7.56 -3.21 -29.38
N SER A 118 -7.31 -4.29 -30.12
CA SER A 118 -8.30 -5.36 -30.29
C SER A 118 -8.58 -6.09 -28.97
N GLY A 119 -7.61 -6.88 -28.52
CA GLY A 119 -7.77 -7.68 -27.33
C GLY A 119 -7.38 -9.13 -27.58
N HIS A 120 -7.46 -9.95 -26.54
CA HIS A 120 -7.05 -11.36 -26.65
C HIS A 120 -7.66 -12.21 -25.55
N GLY A 121 -7.46 -11.79 -24.30
CA GLY A 121 -7.90 -12.56 -23.15
C GLY A 121 -6.74 -12.87 -22.23
N PRO A 122 -7.03 -13.38 -21.02
CA PRO A 122 -5.99 -13.71 -20.04
C PRO A 122 -5.37 -15.09 -20.30
N ASP A 123 -4.12 -15.26 -19.89
CA ASP A 123 -3.46 -16.56 -20.00
C ASP A 123 -3.72 -17.38 -18.74
N GLY A 124 -4.22 -16.73 -17.70
CA GLY A 124 -4.55 -17.40 -16.46
C GLY A 124 -4.61 -16.47 -15.26
N GLU A 125 -5.07 -17.00 -14.14
CA GLU A 125 -5.11 -16.24 -12.89
C GLU A 125 -3.95 -16.62 -11.99
N VAL A 126 -3.31 -15.62 -11.40
CA VAL A 126 -2.23 -15.84 -10.45
C VAL A 126 -2.75 -16.52 -9.18
N PRO A 127 -2.24 -17.73 -8.90
CA PRO A 127 -2.66 -18.51 -7.73
C PRO A 127 -2.28 -17.87 -6.41
N LYS A 128 -3.00 -18.21 -5.35
CA LYS A 128 -2.78 -17.63 -4.04
C LYS A 128 -2.09 -18.61 -3.09
N ASP A 129 -2.66 -19.80 -2.95
CA ASP A 129 -2.19 -20.78 -1.99
C ASP A 129 -0.95 -21.53 -2.45
N LYS A 130 -0.52 -21.27 -3.69
CA LYS A 130 0.66 -21.95 -4.23
C LYS A 130 1.35 -21.12 -5.31
N GLU A 131 2.50 -21.61 -5.77
CA GLU A 131 3.25 -20.94 -6.82
C GLU A 131 2.57 -21.13 -8.17
N GLY A 132 3.04 -20.40 -9.18
CA GLY A 132 2.49 -20.51 -10.51
C GLY A 132 3.40 -19.91 -11.57
N GLY A 133 3.79 -20.74 -12.55
CA GLY A 133 4.63 -20.28 -13.64
C GLY A 133 3.85 -19.41 -14.63
N VAL A 134 4.48 -18.34 -15.09
CA VAL A 134 3.82 -17.43 -16.02
C VAL A 134 4.68 -17.18 -17.27
N PHE A 135 5.89 -17.73 -17.29
CA PHE A 135 6.76 -17.60 -18.45
C PHE A 135 7.87 -18.65 -18.47
N ASP A 136 8.04 -19.29 -19.62
CA ASP A 136 9.09 -20.27 -19.83
C ASP A 136 10.06 -19.76 -20.89
N LEU A 137 11.33 -19.64 -20.52
CA LEU A 137 12.34 -19.14 -21.44
C LEU A 137 12.61 -20.13 -22.56
N GLY A 138 12.35 -21.41 -22.30
CA GLY A 138 12.55 -22.46 -23.27
C GLY A 138 11.90 -22.23 -24.62
N PRO A 139 10.56 -22.29 -24.67
CA PRO A 139 9.82 -22.06 -25.91
C PRO A 139 10.03 -20.65 -26.47
N PHE A 140 10.39 -19.71 -25.61
CA PHE A 140 10.64 -18.33 -26.04
C PHE A 140 11.84 -18.26 -26.97
N ILE A 141 12.94 -18.91 -26.60
CA ILE A 141 14.14 -18.91 -27.43
C ILE A 141 13.90 -19.69 -28.72
N VAL A 142 13.15 -20.79 -28.61
CA VAL A 142 12.82 -21.60 -29.77
C VAL A 142 12.04 -20.78 -30.80
N ASP A 143 11.07 -20.00 -30.33
CA ASP A 143 10.33 -19.09 -31.20
C ASP A 143 11.25 -17.98 -31.71
N LEU A 144 12.15 -17.53 -30.85
CA LEU A 144 13.11 -16.49 -31.21
C LEU A 144 14.02 -16.96 -32.34
N ILE A 145 14.46 -18.21 -32.26
CA ILE A 145 15.28 -18.80 -33.31
C ILE A 145 14.49 -18.90 -34.60
N THR A 146 13.25 -19.38 -34.50
CA THR A 146 12.36 -19.48 -35.65
C THR A 146 12.12 -18.10 -36.26
N PHE A 147 12.09 -17.08 -35.41
CA PHE A 147 11.91 -15.70 -35.86
C PHE A 147 13.14 -15.20 -36.62
N THR A 148 14.32 -15.60 -36.17
CA THR A 148 15.57 -15.24 -36.85
C THR A 148 15.62 -15.89 -38.23
N GLU A 149 14.96 -17.04 -38.37
CA GLU A 149 14.91 -17.75 -39.63
C GLU A 149 13.86 -17.15 -40.56
N GLY A 150 13.36 -15.97 -40.19
CA GLY A 150 12.43 -15.23 -41.03
C GLY A 150 11.07 -15.90 -41.16
N SER A 151 10.60 -16.53 -40.09
CA SER A 151 9.34 -17.23 -40.13
C SER A 151 8.17 -16.34 -39.69
N GLY A 152 8.42 -15.05 -39.58
CA GLY A 152 7.34 -14.08 -39.46
C GLY A 152 7.15 -13.32 -38.16
N ARG A 153 6.89 -14.04 -37.07
CA ARG A 153 6.41 -13.41 -35.85
C ARG A 153 7.38 -13.51 -34.67
N SER A 154 7.70 -12.35 -34.09
CA SER A 154 8.58 -12.29 -32.92
C SER A 154 7.86 -12.76 -31.66
N PRO A 155 8.61 -13.38 -30.73
CA PRO A 155 8.03 -13.91 -29.49
C PRO A 155 7.62 -12.80 -28.53
N ARG A 156 6.55 -13.02 -27.78
CA ARG A 156 6.08 -12.06 -26.80
C ARG A 156 6.80 -12.27 -25.47
N TYR A 157 7.12 -11.18 -24.79
CA TYR A 157 7.89 -11.24 -23.56
C TYR A 157 7.32 -10.34 -22.46
N ALA A 158 6.33 -9.51 -22.81
CA ALA A 158 5.79 -8.54 -21.85
C ALA A 158 4.69 -9.14 -20.99
N LEU A 159 4.97 -9.27 -19.70
CA LEU A 159 3.98 -9.74 -18.73
C LEU A 159 3.05 -8.60 -18.31
N TRP A 160 1.76 -8.80 -18.54
CA TRP A 160 0.75 -7.83 -18.10
C TRP A 160 -0.11 -8.41 -16.99
N PHE A 161 -0.30 -7.62 -15.94
CA PHE A 161 -1.12 -8.06 -14.81
C PHE A 161 -2.33 -7.15 -14.60
N CYS A 162 -3.51 -7.75 -14.54
CA CYS A 162 -4.72 -7.01 -14.20
C CYS A 162 -5.05 -7.24 -12.73
N VAL A 163 -4.92 -6.19 -11.93
CA VAL A 163 -5.06 -6.30 -10.49
C VAL A 163 -6.40 -5.78 -9.97
N GLY A 164 -7.12 -6.63 -9.24
CA GLY A 164 -8.36 -6.23 -8.60
C GLY A 164 -9.59 -6.37 -9.48
N GLU A 165 -9.38 -6.68 -10.75
CA GLU A 165 -10.48 -6.84 -11.69
C GLU A 165 -10.25 -8.02 -12.62
N SER A 166 -11.32 -8.53 -13.20
CA SER A 166 -11.23 -9.57 -14.22
C SER A 166 -10.55 -9.01 -15.45
N TRP A 167 -9.99 -9.89 -16.28
CA TRP A 167 -9.26 -9.47 -17.46
C TRP A 167 -10.19 -8.82 -18.48
N PRO A 168 -9.73 -7.72 -19.10
CA PRO A 168 -10.50 -7.00 -20.13
C PRO A 168 -10.67 -7.81 -21.41
N GLN A 169 -11.78 -8.53 -21.54
CA GLN A 169 -12.05 -9.31 -22.75
C GLN A 169 -13.09 -8.64 -23.63
N ASP A 170 -14.12 -8.08 -23.01
CA ASP A 170 -15.18 -7.40 -23.75
C ASP A 170 -15.10 -5.89 -23.53
N GLN A 171 -13.89 -5.41 -23.29
CA GLN A 171 -13.65 -4.00 -23.04
C GLN A 171 -12.16 -3.69 -23.11
N PRO A 172 -11.79 -2.49 -23.59
CA PRO A 172 -10.38 -2.12 -23.72
C PRO A 172 -9.63 -2.13 -22.38
N TRP A 173 -8.34 -2.42 -22.42
CA TRP A 173 -7.52 -2.51 -21.21
C TRP A 173 -7.44 -1.17 -20.47
N THR A 174 -7.71 -0.09 -21.19
CA THR A 174 -7.65 1.25 -20.61
C THR A 174 -8.80 1.50 -19.64
N LYS A 175 -9.80 0.62 -19.66
CA LYS A 175 -10.93 0.72 -18.75
C LYS A 175 -10.59 0.15 -17.38
N ARG A 176 -9.54 -0.65 -17.32
CA ARG A 176 -9.15 -1.32 -16.08
C ARG A 176 -8.47 -0.36 -15.10
N LEU A 177 -8.72 -0.59 -13.82
CA LEU A 177 -8.21 0.30 -12.77
C LEU A 177 -6.69 0.22 -12.62
N VAL A 178 -6.17 -0.99 -12.43
CA VAL A 178 -4.74 -1.17 -12.21
C VAL A 178 -4.14 -2.20 -13.16
N MET A 179 -3.37 -1.71 -14.13
CA MET A 179 -2.69 -2.58 -15.10
C MET A 179 -1.18 -2.41 -14.98
N VAL A 180 -0.48 -3.51 -14.73
CA VAL A 180 0.97 -3.45 -14.55
C VAL A 180 1.72 -4.30 -15.58
N LYS A 181 2.60 -3.66 -16.32
CA LYS A 181 3.46 -4.37 -17.27
C LYS A 181 4.84 -4.62 -16.66
N VAL A 182 5.30 -5.86 -16.73
CA VAL A 182 6.63 -6.20 -16.27
C VAL A 182 7.44 -6.85 -17.39
N VAL A 183 8.49 -6.15 -17.83
CA VAL A 183 9.32 -6.65 -18.92
C VAL A 183 10.75 -6.95 -18.44
N PRO A 184 11.11 -8.24 -18.44
CA PRO A 184 12.52 -8.62 -18.23
C PRO A 184 13.36 -8.11 -19.39
N THR A 185 14.15 -7.07 -19.15
CA THR A 185 14.79 -6.31 -20.23
C THR A 185 15.74 -7.13 -21.10
N CYS A 186 16.14 -8.30 -20.62
CA CYS A 186 16.98 -9.19 -21.41
C CYS A 186 16.21 -9.76 -22.61
N LEU A 187 14.93 -10.04 -22.40
CA LEU A 187 14.08 -10.58 -23.45
C LEU A 187 13.80 -9.54 -24.52
N ARG A 188 13.59 -8.30 -24.09
CA ARG A 188 13.43 -7.19 -25.02
C ARG A 188 14.69 -7.01 -25.87
N ALA A 189 15.84 -7.18 -25.22
CA ALA A 189 17.13 -7.07 -25.90
C ALA A 189 17.35 -8.20 -26.90
N LEU A 190 16.98 -9.42 -26.51
CA LEU A 190 17.15 -10.59 -27.36
C LEU A 190 16.31 -10.47 -28.63
N VAL A 191 15.05 -10.07 -28.48
CA VAL A 191 14.16 -9.90 -29.61
C VAL A 191 14.66 -8.81 -30.55
N GLU A 192 15.11 -7.70 -29.98
CA GLU A 192 15.63 -6.59 -30.77
C GLU A 192 16.89 -6.98 -31.52
N MET A 193 17.75 -7.77 -30.87
CA MET A 193 18.96 -8.28 -31.49
C MET A 193 18.62 -9.18 -32.67
N ALA A 194 17.57 -9.96 -32.52
CA ALA A 194 17.09 -10.83 -33.59
C ALA A 194 16.50 -10.00 -34.72
N ARG A 195 15.81 -8.93 -34.35
CA ARG A 195 15.16 -8.04 -35.31
C ARG A 195 16.17 -7.33 -36.21
N VAL A 196 17.25 -6.84 -35.61
CA VAL A 196 18.28 -6.11 -36.34
C VAL A 196 19.28 -7.06 -37.01
N GLY A 197 19.30 -8.29 -36.52
CA GLY A 197 20.24 -9.30 -37.01
C GLY A 197 20.23 -9.51 -38.51
N GLY A 198 19.04 -9.44 -39.10
CA GLY A 198 18.91 -9.61 -40.54
C GLY A 198 18.89 -8.29 -41.28
N ALA A 199 19.96 -7.51 -41.13
CA ALA A 199 20.05 -6.20 -41.76
C ALA A 199 21.45 -5.91 -42.28
N SER A 200 21.70 -4.66 -42.63
CA SER A 200 22.97 -4.26 -43.22
C SER A 200 24.04 -3.96 -42.17
N SER A 201 24.59 -5.02 -41.59
CA SER A 201 25.66 -4.90 -40.61
C SER A 201 26.25 -6.26 -40.32
N LEU A 202 27.58 -6.35 -40.35
CA LEU A 202 28.25 -7.61 -40.05
C LEU A 202 27.98 -8.02 -38.60
N GLU A 203 28.16 -7.08 -37.68
CA GLU A 203 27.91 -7.34 -36.27
C GLU A 203 26.90 -6.36 -35.68
N ASN A 204 26.20 -6.80 -34.64
CA ASN A 204 25.29 -5.93 -33.91
C ASN A 204 25.51 -6.11 -32.40
N THR A 205 25.18 -5.08 -31.63
CA THR A 205 25.41 -5.10 -30.19
C THR A 205 24.13 -5.43 -29.42
N VAL A 206 24.21 -6.43 -28.55
CA VAL A 206 23.09 -6.77 -27.68
C VAL A 206 23.52 -6.68 -26.21
N ASP A 207 22.71 -6.00 -25.41
CA ASP A 207 22.99 -5.87 -23.98
C ASP A 207 21.90 -6.56 -23.19
N LEU A 208 22.27 -7.66 -22.52
CA LEU A 208 21.30 -8.49 -21.82
C LEU A 208 20.75 -7.82 -20.57
N HIS A 209 21.41 -6.76 -20.11
CA HIS A 209 20.99 -6.03 -18.92
C HIS A 209 20.84 -6.96 -17.70
N ILE A 210 21.77 -7.89 -17.54
CA ILE A 210 21.77 -8.75 -16.36
C ILE A 210 23.02 -8.50 -15.53
N SER A 211 23.04 -9.06 -14.32
CA SER A 211 24.13 -8.79 -13.38
C SER A 211 25.48 -9.27 -13.90
N ASN A 212 26.48 -8.40 -13.79
CA ASN A 212 27.84 -8.68 -14.25
C ASN A 212 27.90 -9.09 -15.72
N SER A 213 27.16 -8.36 -16.55
CA SER A 213 27.16 -8.63 -17.98
C SER A 213 27.76 -7.47 -18.75
N HIS A 214 28.42 -7.79 -19.85
CA HIS A 214 28.98 -6.79 -20.75
C HIS A 214 28.27 -6.86 -22.09
N PRO A 215 28.15 -5.72 -22.78
CA PRO A 215 27.52 -5.70 -24.11
C PRO A 215 28.23 -6.62 -25.10
N LEU A 216 27.45 -7.42 -25.83
CA LEU A 216 28.00 -8.39 -26.78
C LEU A 216 27.85 -7.90 -28.21
N SER A 217 28.90 -8.07 -29.01
CA SER A 217 28.84 -7.76 -30.43
C SER A 217 28.98 -9.04 -31.24
N LEU A 218 27.87 -9.48 -31.84
CA LEU A 218 27.85 -10.75 -32.55
C LEU A 218 27.37 -10.61 -33.99
N THR A 219 27.79 -11.54 -34.84
CA THR A 219 27.24 -11.63 -36.19
C THR A 219 25.90 -12.35 -36.10
N SER A 220 25.11 -12.27 -37.16
CA SER A 220 23.78 -12.88 -37.17
C SER A 220 23.84 -14.39 -36.94
N ASP A 221 24.74 -15.07 -37.65
CA ASP A 221 24.82 -16.53 -37.60
C ASP A 221 25.32 -17.05 -36.26
N GLN A 222 26.29 -16.36 -35.65
CA GLN A 222 26.82 -16.83 -34.37
C GLN A 222 25.87 -16.49 -33.23
N TYR A 223 25.03 -15.47 -33.44
CA TYR A 223 23.97 -15.17 -32.49
C TYR A 223 22.93 -16.30 -32.53
N LYS A 224 22.61 -16.76 -33.74
CA LYS A 224 21.71 -17.89 -33.90
C LYS A 224 22.30 -19.16 -33.28
N ALA A 225 23.60 -19.35 -33.48
CA ALA A 225 24.30 -20.51 -32.94
C ALA A 225 24.25 -20.52 -31.41
N TYR A 226 24.46 -19.35 -30.82
CA TYR A 226 24.39 -19.18 -29.38
C TYR A 226 22.98 -19.46 -28.87
N LEU A 227 21.98 -19.05 -29.65
CA LEU A 227 20.58 -19.30 -29.30
C LEU A 227 20.26 -20.79 -29.31
N GLN A 228 20.78 -21.50 -30.31
CA GLN A 228 20.53 -22.93 -30.44
C GLN A 228 21.18 -23.71 -29.30
N ASP A 229 22.41 -23.34 -28.95
CA ASP A 229 23.13 -24.01 -27.88
C ASP A 229 22.48 -23.75 -26.53
N LEU A 230 21.93 -22.54 -26.38
CA LEU A 230 21.20 -22.19 -25.16
C LEU A 230 19.95 -23.07 -25.02
N VAL A 231 19.33 -23.37 -26.15
CA VAL A 231 18.11 -24.18 -26.17
C VAL A 231 18.37 -25.61 -25.69
N GLU A 232 19.41 -26.24 -26.22
CA GLU A 232 19.73 -27.62 -25.88
C GLU A 232 20.01 -27.78 -24.39
N GLY A 233 20.63 -26.76 -23.78
CA GLY A 233 20.95 -26.82 -22.37
C GLY A 233 19.75 -26.59 -21.46
N MET A 234 18.62 -26.21 -22.04
CA MET A 234 17.41 -25.93 -21.26
C MET A 234 16.51 -27.15 -21.13
N ASP A 235 15.50 -27.04 -20.27
CA ASP A 235 14.61 -28.16 -19.98
C ASP A 235 13.34 -28.15 -20.80
N PHE A 236 12.90 -29.34 -21.20
CA PHE A 236 11.62 -29.51 -21.89
C PHE A 236 10.99 -30.82 -21.42
N GLN A 237 9.68 -30.95 -21.60
CA GLN A 237 8.96 -32.14 -21.12
C GLN A 237 9.30 -33.37 -21.95
N GLU B 4 22.20 3.71 13.97
CA GLU B 4 22.44 3.52 15.40
C GLU B 4 21.15 3.18 16.13
N ASN B 5 20.16 4.06 16.03
CA ASN B 5 18.88 3.89 16.69
C ASN B 5 17.74 3.82 15.69
N PRO B 6 17.15 2.63 15.53
CA PRO B 6 16.10 2.37 14.55
C PRO B 6 14.79 3.08 14.89
N LEU B 7 14.58 3.34 16.18
CA LEU B 7 13.35 3.96 16.64
C LEU B 7 13.29 5.43 16.22
N LYS B 8 14.43 5.99 15.84
CA LYS B 8 14.50 7.39 15.43
C LYS B 8 13.80 7.63 14.10
N ARG B 9 13.57 6.55 13.35
CA ARG B 9 12.88 6.64 12.06
C ARG B 9 11.44 7.14 12.23
N LEU B 10 10.88 6.91 13.41
CA LEU B 10 9.52 7.33 13.73
C LEU B 10 9.34 8.85 13.61
N LEU B 11 10.42 9.59 13.78
CA LEU B 11 10.37 11.05 13.77
C LEU B 11 10.87 11.65 12.46
N VAL B 12 11.57 10.86 11.67
CA VAL B 12 12.16 11.33 10.42
C VAL B 12 11.11 11.85 9.45
N PRO B 13 11.23 13.12 9.05
CA PRO B 13 10.33 13.74 8.07
C PRO B 13 10.42 13.05 6.71
N GLY B 14 9.29 12.52 6.24
CA GLY B 14 9.28 11.81 4.97
C GLY B 14 8.73 10.40 5.14
N GLU B 15 8.79 9.90 6.36
CA GLU B 15 8.24 8.58 6.67
C GLU B 15 6.83 8.72 7.21
N GLU B 16 5.95 7.83 6.77
CA GLU B 16 4.55 7.88 7.18
C GLU B 16 4.23 6.81 8.21
N TRP B 17 3.26 7.10 9.07
CA TRP B 17 2.80 6.14 10.07
C TRP B 17 1.56 5.40 9.56
N GLU B 18 1.28 4.25 10.16
CA GLU B 18 0.06 3.51 9.88
C GLU B 18 -0.98 3.79 10.94
N PHE B 19 -2.15 4.27 10.51
CA PHE B 19 -3.21 4.63 11.44
C PHE B 19 -4.43 3.73 11.32
N GLU B 20 -4.74 3.04 12.40
CA GLU B 20 -5.94 2.22 12.45
C GLU B 20 -7.13 3.07 12.86
N VAL B 21 -8.07 3.24 11.93
CA VAL B 21 -9.25 4.08 12.18
C VAL B 21 -10.50 3.23 12.38
N THR B 22 -11.12 3.37 13.54
CA THR B 22 -12.34 2.62 13.85
C THR B 22 -13.50 3.56 14.19
N ALA B 23 -14.61 3.41 13.47
CA ALA B 23 -15.78 4.25 13.67
C ALA B 23 -16.90 3.48 14.37
N PHE B 24 -17.59 4.15 15.28
CA PHE B 24 -18.70 3.56 16.02
C PHE B 24 -19.97 4.36 15.85
N TYR B 25 -21.06 3.69 15.52
CA TYR B 25 -22.38 4.33 15.49
C TYR B 25 -23.23 3.83 16.65
N ARG B 26 -23.38 4.66 17.68
CA ARG B 26 -24.11 4.30 18.88
C ARG B 26 -23.54 3.03 19.53
N GLY B 27 -22.22 2.99 19.68
CA GLY B 27 -21.56 1.88 20.35
C GLY B 27 -21.23 0.71 19.44
N ARG B 28 -21.84 0.68 18.26
CA ARG B 28 -21.61 -0.40 17.31
C ARG B 28 -20.50 -0.07 16.33
N GLN B 29 -19.47 -0.92 16.29
CA GLN B 29 -18.40 -0.76 15.32
C GLN B 29 -18.94 -0.96 13.91
N VAL B 30 -18.82 0.07 13.08
CA VAL B 30 -19.40 0.03 11.74
C VAL B 30 -18.33 0.16 10.66
N PHE B 31 -17.10 0.45 11.08
CA PHE B 31 -16.03 0.72 10.14
C PHE B 31 -14.66 0.58 10.78
N GLN B 32 -13.73 -0.05 10.05
CA GLN B 32 -12.33 -0.12 10.48
C GLN B 32 -11.40 -0.22 9.28
N GLN B 33 -10.33 0.56 9.30
CA GLN B 33 -9.37 0.58 8.20
C GLN B 33 -8.01 1.12 8.63
N THR B 34 -6.95 0.49 8.14
CA THR B 34 -5.60 0.99 8.39
C THR B 34 -5.14 1.90 7.26
N ILE B 35 -4.63 3.07 7.63
CA ILE B 35 -4.29 4.10 6.65
C ILE B 35 -2.88 4.65 6.87
N SER B 36 -2.10 4.74 5.79
CA SER B 36 -0.81 5.40 5.84
C SER B 36 -0.73 6.44 4.73
N CYS B 37 -0.41 7.67 5.11
CA CYS B 37 -0.31 8.77 4.15
C CYS B 37 0.48 9.93 4.75
N PRO B 38 1.40 10.49 3.98
CA PRO B 38 2.25 11.61 4.43
C PRO B 38 1.43 12.82 4.88
N GLU B 39 0.35 13.11 4.16
CA GLU B 39 -0.47 14.28 4.46
C GLU B 39 -1.53 13.98 5.50
N GLY B 40 -1.47 12.78 6.07
CA GLY B 40 -2.42 12.38 7.09
C GLY B 40 -3.72 11.86 6.52
N LEU B 41 -4.79 11.93 7.31
CA LEU B 41 -6.09 11.42 6.89
C LEU B 41 -7.19 12.48 7.06
N ARG B 42 -8.33 12.24 6.42
CA ARG B 42 -9.49 13.11 6.56
C ARG B 42 -10.77 12.30 6.71
N LEU B 43 -11.45 12.47 7.84
CA LEU B 43 -12.70 11.76 8.09
C LEU B 43 -13.87 12.46 7.41
N VAL B 44 -14.27 11.96 6.25
CA VAL B 44 -15.35 12.57 5.49
C VAL B 44 -16.60 11.71 5.47
N GLY B 45 -17.68 12.26 4.92
CA GLY B 45 -18.94 11.56 4.85
C GLY B 45 -19.27 11.09 3.44
N SER B 46 -18.60 11.68 2.45
CA SER B 46 -18.81 11.29 1.06
C SER B 46 -17.53 10.73 0.45
N GLU B 47 -17.70 9.77 -0.47
CA GLU B 47 -16.56 9.19 -1.18
C GLU B 47 -16.00 10.20 -2.17
N VAL B 48 -16.79 11.24 -2.45
CA VAL B 48 -16.37 12.33 -3.33
C VAL B 48 -16.37 13.65 -2.58
N GLY B 49 -15.20 14.28 -2.51
CA GLY B 49 -15.04 15.54 -1.80
C GLY B 49 -14.19 16.53 -2.56
N ASP B 50 -13.59 17.46 -1.84
CA ASP B 50 -12.72 18.47 -2.45
C ASP B 50 -11.44 17.82 -2.96
N ARG B 51 -11.20 17.98 -4.26
CA ARG B 51 -10.06 17.35 -4.92
C ARG B 51 -8.74 18.01 -4.52
N THR B 52 -8.81 19.28 -4.11
CA THR B 52 -7.62 20.03 -3.74
C THR B 52 -7.12 19.69 -2.34
N LEU B 53 -8.04 19.25 -1.48
CA LEU B 53 -7.70 18.94 -0.09
C LEU B 53 -6.72 17.76 0.00
N PRO B 54 -5.72 17.88 0.88
CA PRO B 54 -4.70 16.83 1.07
C PRO B 54 -5.10 15.84 2.15
N GLY B 55 -4.38 14.72 2.22
CA GLY B 55 -4.67 13.68 3.19
C GLY B 55 -5.54 12.59 2.62
N TRP B 56 -5.38 11.38 3.14
CA TRP B 56 -6.14 10.22 2.68
C TRP B 56 -7.58 10.31 3.18
N PRO B 57 -8.53 10.46 2.25
CA PRO B 57 -9.95 10.57 2.63
C PRO B 57 -10.50 9.28 3.21
N VAL B 58 -10.98 9.34 4.45
CA VAL B 58 -11.59 8.18 5.10
C VAL B 58 -13.10 8.38 5.20
N THR B 59 -13.84 7.70 4.33
CA THR B 59 -15.28 7.88 4.25
C THR B 59 -16.03 7.00 5.24
N LEU B 60 -16.72 7.63 6.19
CA LEU B 60 -17.55 6.90 7.13
C LEU B 60 -18.78 6.33 6.42
N PRO B 61 -19.12 5.07 6.71
CA PRO B 61 -20.17 4.35 5.99
C PRO B 61 -21.56 4.94 6.20
N ASP B 62 -22.48 4.66 5.28
CA ASP B 62 -23.88 5.04 5.45
C ASP B 62 -24.42 4.38 6.71
N PRO B 63 -25.07 5.18 7.57
CA PRO B 63 -25.43 4.77 8.94
C PRO B 63 -26.20 3.45 9.06
N GLY B 64 -26.62 2.86 7.96
CA GLY B 64 -27.23 1.54 8.06
C GLY B 64 -27.90 0.95 6.83
N MET B 65 -27.44 -0.18 6.27
CA MET B 65 -26.16 -0.90 6.50
C MET B 65 -25.86 -1.54 7.87
N SER B 66 -25.90 -0.79 8.96
CA SER B 66 -25.64 -1.33 10.29
C SER B 66 -26.78 -1.03 11.27
N LEU B 67 -27.44 0.11 11.09
CA LEU B 67 -28.53 0.51 11.98
C LEU B 67 -29.89 0.38 11.30
N THR B 68 -30.94 0.24 12.10
CA THR B 68 -32.30 0.10 11.57
C THR B 68 -33.25 1.11 12.20
N ASP B 69 -32.83 1.70 13.31
CA ASP B 69 -33.62 2.72 14.00
C ASP B 69 -33.65 4.00 13.17
N ARG B 70 -34.81 4.28 12.57
CA ARG B 70 -34.95 5.41 11.64
C ARG B 70 -34.54 6.75 12.26
N GLY B 71 -34.81 6.92 13.55
CA GLY B 71 -34.44 8.14 14.24
C GLY B 71 -32.94 8.31 14.36
N VAL B 72 -32.29 7.27 14.86
CA VAL B 72 -30.83 7.25 14.99
C VAL B 72 -30.19 7.28 13.59
N MET B 73 -30.82 6.57 12.67
CA MET B 73 -30.37 6.52 11.29
C MET B 73 -30.34 7.91 10.66
N SER B 74 -31.39 8.68 10.91
CA SER B 74 -31.51 10.03 10.37
C SER B 74 -30.46 10.97 10.97
N TYR B 75 -30.27 10.87 12.28
CA TYR B 75 -29.35 11.76 12.99
C TYR B 75 -27.89 11.54 12.60
N VAL B 76 -27.48 10.27 12.52
CA VAL B 76 -26.12 9.96 12.10
C VAL B 76 -25.88 10.44 10.67
N ARG B 77 -26.90 10.26 9.83
CA ARG B 77 -26.84 10.71 8.44
C ARG B 77 -26.60 12.20 8.34
N HIS B 78 -27.23 12.96 9.23
CA HIS B 78 -27.09 14.41 9.23
C HIS B 78 -25.69 14.83 9.65
N VAL B 79 -25.13 14.14 10.63
CA VAL B 79 -23.78 14.41 11.11
C VAL B 79 -22.75 14.19 10.00
N LEU B 80 -22.90 13.09 9.27
CA LEU B 80 -21.97 12.75 8.21
C LEU B 80 -22.01 13.76 7.07
N SER B 81 -23.18 14.33 6.82
CA SER B 81 -23.38 15.24 5.70
C SER B 81 -22.85 16.64 5.99
N CYS B 82 -22.43 16.87 7.23
CA CYS B 82 -21.92 18.19 7.62
C CYS B 82 -20.42 18.14 7.88
N LEU B 83 -19.79 17.00 7.58
CA LEU B 83 -18.36 16.82 7.79
C LEU B 83 -17.54 17.70 6.85
N GLY B 84 -18.06 17.92 5.65
CA GLY B 84 -17.39 18.75 4.66
C GLY B 84 -16.00 18.26 4.34
N GLY B 85 -15.00 19.12 4.56
CA GLY B 85 -13.62 18.76 4.36
C GLY B 85 -13.21 17.63 5.29
N GLY B 86 -13.89 17.55 6.42
CA GLY B 86 -13.71 16.43 7.35
C GLY B 86 -12.83 16.75 8.54
N LEU B 87 -12.51 15.72 9.31
CA LEU B 87 -11.61 15.85 10.44
C LEU B 87 -10.20 15.45 10.03
N ALA B 88 -9.35 16.44 9.81
CA ALA B 88 -7.99 16.19 9.39
C ALA B 88 -7.11 15.82 10.56
N LEU B 89 -6.35 14.73 10.40
CA LEU B 89 -5.38 14.32 11.40
C LEU B 89 -4.07 13.96 10.71
N TRP B 90 -2.97 14.56 11.17
CA TRP B 90 -1.67 14.30 10.57
C TRP B 90 -0.54 14.44 11.59
N ARG B 91 0.65 14.02 11.20
CA ARG B 91 1.81 14.07 12.09
C ARG B 91 2.82 15.11 11.60
N ALA B 92 3.36 15.88 12.55
CA ALA B 92 4.40 16.85 12.25
C ALA B 92 5.52 16.74 13.27
N GLY B 93 6.56 15.99 12.94
CA GLY B 93 7.66 15.76 13.85
C GLY B 93 7.30 14.74 14.91
N GLN B 94 7.07 15.22 16.13
CA GLN B 94 6.73 14.35 17.25
C GLN B 94 5.30 14.61 17.72
N TRP B 95 4.58 15.44 16.99
CA TRP B 95 3.21 15.81 17.35
C TRP B 95 2.18 15.30 16.34
N LEU B 96 1.03 14.88 16.85
CA LEU B 96 -0.12 14.61 16.01
C LEU B 96 -1.05 15.81 16.03
N TRP B 97 -1.43 16.29 14.86
CA TRP B 97 -2.25 17.49 14.75
C TRP B 97 -3.64 17.18 14.20
N ALA B 98 -4.67 17.78 14.80
CA ALA B 98 -6.03 17.62 14.33
C ALA B 98 -6.65 18.97 14.00
N GLN B 99 -7.56 18.98 13.02
CA GLN B 99 -8.22 20.20 12.59
C GLN B 99 -9.49 19.86 11.81
N ARG B 100 -10.61 20.44 12.22
CA ARG B 100 -11.87 20.18 11.52
C ARG B 100 -12.04 21.17 10.37
N LEU B 101 -12.53 20.66 9.24
CA LEU B 101 -12.69 21.49 8.05
C LEU B 101 -14.16 21.66 7.70
N GLY B 102 -15.03 21.01 8.47
CA GLY B 102 -16.46 21.13 8.29
C GLY B 102 -17.10 21.95 9.41
N HIS B 103 -18.34 21.63 9.72
CA HIS B 103 -19.07 22.35 10.76
C HIS B 103 -19.37 21.45 11.97
N CYS B 104 -19.01 20.18 11.85
CA CYS B 104 -19.18 19.25 12.96
C CYS B 104 -18.12 19.48 14.04
N HIS B 105 -18.54 20.06 15.15
CA HIS B 105 -17.65 20.24 16.29
C HIS B 105 -17.15 18.89 16.78
N THR B 106 -15.85 18.78 16.95
CA THR B 106 -15.24 17.51 17.33
C THR B 106 -14.42 17.63 18.61
N TYR B 107 -14.71 16.76 19.57
CA TYR B 107 -14.02 16.75 20.84
C TYR B 107 -13.16 15.49 20.97
N TRP B 108 -11.93 15.65 21.44
CA TRP B 108 -10.98 14.55 21.46
C TRP B 108 -10.48 14.24 22.87
N ALA B 109 -9.89 13.05 23.01
CA ALA B 109 -9.30 12.61 24.27
C ALA B 109 -8.39 11.41 24.02
N VAL B 110 -7.31 11.32 24.80
CA VAL B 110 -6.39 10.20 24.70
C VAL B 110 -6.70 9.17 25.78
N SER B 111 -7.18 8.00 25.36
CA SER B 111 -7.56 6.96 26.31
C SER B 111 -7.00 5.60 25.93
N GLU B 112 -7.54 4.55 26.54
CA GLU B 112 -7.14 3.19 26.24
C GLU B 112 -7.75 2.70 24.93
N GLU B 113 -7.42 1.47 24.55
CA GLU B 113 -7.97 0.85 23.35
C GLU B 113 -9.49 0.79 23.43
N LEU B 114 -10.01 0.50 24.63
CA LEU B 114 -11.44 0.50 24.87
C LEU B 114 -11.82 1.67 25.78
N LEU B 115 -12.55 2.62 25.22
CA LEU B 115 -12.89 3.86 25.94
C LEU B 115 -13.80 3.62 27.13
N PRO B 116 -13.32 3.94 28.34
CA PRO B 116 -14.10 3.80 29.56
C PRO B 116 -14.84 5.08 29.93
N ASN B 117 -15.93 4.93 30.68
CA ASN B 117 -16.69 6.09 31.15
C ASN B 117 -16.23 6.49 32.54
N SER B 118 -15.15 7.28 32.60
CA SER B 118 -14.55 7.65 33.88
C SER B 118 -14.22 9.13 33.96
N GLY B 119 -12.94 9.44 34.19
CA GLY B 119 -12.48 10.80 34.36
C GLY B 119 -12.68 11.68 33.14
N HIS B 120 -13.93 11.98 32.85
CA HIS B 120 -14.31 12.81 31.71
C HIS B 120 -14.34 14.28 32.14
N GLY B 121 -14.33 15.24 31.21
CA GLY B 121 -14.46 15.02 29.79
C GLY B 121 -13.21 15.06 28.93
N PRO B 122 -13.26 15.86 27.85
CA PRO B 122 -12.26 15.85 26.78
C PRO B 122 -10.90 16.37 27.23
N ASP B 123 -9.88 16.09 26.43
CA ASP B 123 -8.57 16.69 26.63
C ASP B 123 -8.53 18.01 25.88
N GLY B 124 -9.57 18.24 25.07
CA GLY B 124 -9.68 19.47 24.32
C GLY B 124 -10.67 19.35 23.16
N GLU B 125 -10.94 20.49 22.51
CA GLU B 125 -11.80 20.49 21.34
C GLU B 125 -10.98 20.77 20.08
N VAL B 126 -11.27 20.03 19.01
CA VAL B 126 -10.54 20.21 17.76
C VAL B 126 -10.88 21.56 17.10
N PRO B 127 -9.86 22.40 16.90
CA PRO B 127 -10.03 23.73 16.31
C PRO B 127 -10.27 23.68 14.80
N LYS B 128 -10.72 24.79 14.23
CA LYS B 128 -10.96 24.86 12.79
C LYS B 128 -10.02 25.85 12.11
N ASP B 129 -9.89 27.05 12.69
CA ASP B 129 -9.10 28.11 12.08
C ASP B 129 -7.60 27.81 12.10
N LYS B 130 -7.14 27.15 13.16
CA LYS B 130 -5.74 26.78 13.27
C LYS B 130 -5.56 25.29 13.54
N GLU B 131 -4.32 24.82 13.40
CA GLU B 131 -3.99 23.44 13.72
C GLU B 131 -3.82 23.26 15.22
N GLY B 132 -4.34 22.14 15.74
CA GLY B 132 -4.28 21.88 17.16
C GLY B 132 -3.65 20.54 17.49
N GLY B 133 -2.62 20.56 18.33
CA GLY B 133 -1.94 19.35 18.75
C GLY B 133 -2.81 18.50 19.65
N VAL B 134 -2.84 17.19 19.39
CA VAL B 134 -3.68 16.29 20.15
C VAL B 134 -2.89 15.13 20.75
N PHE B 135 -1.62 15.03 20.37
CA PHE B 135 -0.75 13.99 20.92
C PHE B 135 0.71 14.37 20.83
N ASP B 136 1.42 14.24 21.96
CA ASP B 136 2.84 14.50 22.03
C ASP B 136 3.61 13.20 22.28
N LEU B 137 4.47 12.84 21.34
CA LEU B 137 5.25 11.61 21.45
C LEU B 137 6.26 11.72 22.59
N GLY B 138 6.57 12.95 22.98
CA GLY B 138 7.51 13.19 24.06
C GLY B 138 7.17 12.50 25.36
N PRO B 139 6.12 12.96 26.05
CA PRO B 139 5.66 12.35 27.31
C PRO B 139 5.28 10.88 27.17
N PHE B 140 4.89 10.46 25.97
CA PHE B 140 4.50 9.07 25.74
C PHE B 140 5.68 8.12 25.93
N ILE B 141 6.79 8.41 25.23
CA ILE B 141 7.98 7.56 25.32
C ILE B 141 8.57 7.62 26.73
N VAL B 142 8.47 8.78 27.37
CA VAL B 142 8.92 8.93 28.75
C VAL B 142 8.13 8.00 29.67
N ASP B 143 6.81 8.02 29.53
CA ASP B 143 5.94 7.15 30.33
C ASP B 143 6.17 5.67 29.98
N LEU B 144 6.54 5.43 28.72
CA LEU B 144 6.78 4.08 28.25
C LEU B 144 8.02 3.47 28.90
N ILE B 145 9.05 4.29 29.09
CA ILE B 145 10.28 3.85 29.75
C ILE B 145 9.98 3.51 31.21
N THR B 146 9.24 4.39 31.87
CA THR B 146 8.83 4.17 33.25
C THR B 146 8.04 2.88 33.38
N PHE B 147 7.18 2.62 32.40
CA PHE B 147 6.39 1.39 32.36
C PHE B 147 7.27 0.17 32.10
N THR B 148 8.27 0.34 31.24
CA THR B 148 9.18 -0.75 30.89
C THR B 148 10.03 -1.14 32.09
N GLU B 149 10.21 -0.20 33.01
CA GLU B 149 10.98 -0.45 34.22
C GLU B 149 10.06 -0.85 35.37
N GLY B 150 8.81 -1.15 35.04
CA GLY B 150 7.86 -1.69 35.99
C GLY B 150 7.49 -0.76 37.13
N SER B 151 7.54 0.54 36.88
CA SER B 151 7.18 1.52 37.91
C SER B 151 6.09 2.45 37.44
N GLY B 152 5.12 1.91 36.69
CA GLY B 152 4.02 2.69 36.18
C GLY B 152 3.06 1.91 35.31
N ARG B 153 2.04 2.59 34.80
CA ARG B 153 1.06 1.96 33.93
C ARG B 153 1.46 2.09 32.46
N SER B 154 0.70 1.47 31.58
CA SER B 154 0.91 1.62 30.15
C SER B 154 0.46 3.00 29.70
N PRO B 155 1.30 3.70 28.92
CA PRO B 155 0.93 5.01 28.38
C PRO B 155 -0.16 4.90 27.33
N ARG B 156 -1.11 5.83 27.33
CA ARG B 156 -2.22 5.81 26.41
C ARG B 156 -1.84 6.35 25.04
N TYR B 157 -2.41 5.78 23.99
CA TYR B 157 -2.07 6.15 22.61
C TYR B 157 -3.29 6.20 21.69
N ALA B 158 -4.46 5.90 22.24
CA ALA B 158 -5.68 5.85 21.44
C ALA B 158 -6.41 7.18 21.40
N LEU B 159 -6.47 7.79 20.22
CA LEU B 159 -7.20 9.04 20.03
C LEU B 159 -8.69 8.77 19.74
N TRP B 160 -9.55 9.24 20.64
CA TRP B 160 -10.99 9.10 20.47
C TRP B 160 -11.64 10.43 20.11
N PHE B 161 -12.43 10.44 19.04
CA PHE B 161 -13.07 11.66 18.58
C PHE B 161 -14.59 11.57 18.62
N CYS B 162 -15.21 12.52 19.32
CA CYS B 162 -16.67 12.63 19.32
C CYS B 162 -17.09 13.66 18.29
N VAL B 163 -17.83 13.21 17.27
CA VAL B 163 -18.17 14.07 16.14
C VAL B 163 -19.65 14.45 16.11
N GLY B 164 -19.92 15.75 16.03
CA GLY B 164 -21.28 16.25 15.90
C GLY B 164 -22.01 16.43 17.22
N GLU B 165 -21.45 15.89 18.29
CA GLU B 165 -22.07 16.01 19.61
C GLU B 165 -21.06 16.44 20.67
N SER B 166 -21.58 16.85 21.82
CA SER B 166 -20.73 17.15 22.96
C SER B 166 -20.12 15.87 23.51
N TRP B 167 -19.03 16.00 24.25
CA TRP B 167 -18.37 14.84 24.82
C TRP B 167 -19.22 14.18 25.90
N PRO B 168 -19.34 12.85 25.86
CA PRO B 168 -20.16 12.10 26.82
C PRO B 168 -19.54 12.04 28.21
N GLN B 169 -19.58 13.15 28.93
CA GLN B 169 -19.00 13.20 30.27
C GLN B 169 -19.87 12.46 31.29
N ASP B 170 -21.11 12.90 31.43
CA ASP B 170 -22.06 12.22 32.32
C ASP B 170 -23.02 11.38 31.50
N GLN B 171 -22.46 10.52 30.65
CA GLN B 171 -23.24 9.70 29.74
C GLN B 171 -22.32 8.68 29.06
N PRO B 172 -22.80 7.44 28.87
CA PRO B 172 -21.99 6.44 28.16
C PRO B 172 -21.67 6.86 26.74
N TRP B 173 -20.44 6.59 26.30
CA TRP B 173 -20.00 6.98 24.96
C TRP B 173 -20.76 6.22 23.88
N THR B 174 -21.33 5.08 24.26
CA THR B 174 -22.10 4.26 23.33
C THR B 174 -23.44 4.90 23.01
N LYS B 175 -23.73 6.03 23.65
CA LYS B 175 -24.96 6.77 23.41
C LYS B 175 -24.74 7.77 22.27
N ARG B 176 -23.48 8.13 22.05
CA ARG B 176 -23.12 9.11 21.02
C ARG B 176 -23.41 8.60 19.62
N LEU B 177 -23.70 9.51 18.71
CA LEU B 177 -23.98 9.16 17.32
C LEU B 177 -22.73 8.65 16.61
N VAL B 178 -21.67 9.47 16.60
CA VAL B 178 -20.44 9.12 15.90
C VAL B 178 -19.23 9.21 16.83
N MET B 179 -18.60 8.06 17.08
CA MET B 179 -17.35 8.00 17.83
C MET B 179 -16.26 7.37 16.98
N VAL B 180 -15.17 8.09 16.74
CA VAL B 180 -14.08 7.58 15.91
C VAL B 180 -12.80 7.35 16.71
N LYS B 181 -12.33 6.11 16.71
CA LYS B 181 -11.10 5.74 17.39
C LYS B 181 -9.94 5.62 16.40
N VAL B 182 -8.90 6.41 16.63
CA VAL B 182 -7.73 6.37 15.77
C VAL B 182 -6.48 5.98 16.54
N VAL B 183 -5.82 4.91 16.08
CA VAL B 183 -4.63 4.41 16.75
C VAL B 183 -3.40 4.39 15.84
N PRO B 184 -2.36 5.14 16.21
CA PRO B 184 -1.06 4.97 15.58
C PRO B 184 -0.50 3.60 15.94
N THR B 185 -0.54 2.66 15.00
CA THR B 185 -0.22 1.26 15.30
C THR B 185 1.23 1.06 15.75
N CYS B 186 2.09 2.04 15.47
CA CYS B 186 3.47 1.99 15.95
C CYS B 186 3.52 2.07 17.47
N LEU B 187 2.69 2.93 18.03
CA LEU B 187 2.64 3.12 19.48
C LEU B 187 2.11 1.88 20.17
N ARG B 188 1.10 1.26 19.56
CA ARG B 188 0.55 0.01 20.06
C ARG B 188 1.63 -1.07 20.07
N ALA B 189 2.46 -1.07 19.04
CA ALA B 189 3.56 -2.02 18.95
C ALA B 189 4.62 -1.78 20.02
N LEU B 190 4.90 -0.51 20.29
CA LEU B 190 5.88 -0.14 21.31
C LEU B 190 5.44 -0.59 22.71
N VAL B 191 4.16 -0.39 23.02
CA VAL B 191 3.64 -0.75 24.34
C VAL B 191 3.68 -2.27 24.55
N GLU B 192 3.28 -3.02 23.52
CA GLU B 192 3.30 -4.48 23.58
C GLU B 192 4.74 -4.98 23.76
N MET B 193 5.69 -4.29 23.15
CA MET B 193 7.10 -4.64 23.28
C MET B 193 7.59 -4.44 24.71
N ALA B 194 6.98 -3.48 25.41
CA ALA B 194 7.34 -3.19 26.80
C ALA B 194 6.76 -4.23 27.76
N ARG B 195 5.67 -4.86 27.35
CA ARG B 195 5.05 -5.91 28.16
C ARG B 195 5.88 -7.19 28.14
N VAL B 196 6.28 -7.61 26.94
CA VAL B 196 6.98 -8.86 26.76
C VAL B 196 8.47 -8.75 27.09
N GLY B 197 8.91 -7.54 27.44
CA GLY B 197 10.31 -7.29 27.75
C GLY B 197 10.78 -7.99 29.01
N GLY B 198 9.86 -8.24 29.93
CA GLY B 198 10.20 -8.89 31.19
C GLY B 198 10.09 -10.40 31.13
N ALA B 199 9.83 -10.93 29.94
CA ALA B 199 9.68 -12.37 29.76
C ALA B 199 11.03 -13.08 29.84
N SER B 200 11.01 -14.40 29.68
CA SER B 200 12.22 -15.22 29.79
C SER B 200 13.08 -15.14 28.53
N SER B 201 12.47 -14.72 27.43
CA SER B 201 13.18 -14.66 26.15
C SER B 201 14.30 -13.62 26.16
N LEU B 202 15.41 -13.96 25.49
CA LEU B 202 16.54 -13.04 25.39
C LEU B 202 16.18 -11.84 24.52
N GLU B 203 15.52 -12.10 23.41
CA GLU B 203 15.11 -11.04 22.50
C GLU B 203 13.62 -11.12 22.17
N ASN B 204 13.04 -9.96 21.87
CA ASN B 204 11.65 -9.89 21.40
C ASN B 204 11.56 -9.04 20.15
N THR B 205 10.56 -9.32 19.33
CA THR B 205 10.41 -8.63 18.05
C THR B 205 9.34 -7.55 18.10
N VAL B 206 9.63 -6.40 17.52
CA VAL B 206 8.66 -5.32 17.43
C VAL B 206 8.56 -4.79 16.00
N ASP B 207 7.34 -4.73 15.48
CA ASP B 207 7.08 -4.20 14.16
C ASP B 207 6.54 -2.78 14.27
N LEU B 208 7.35 -1.80 13.89
CA LEU B 208 6.98 -0.39 14.05
C LEU B 208 5.85 0.03 13.12
N HIS B 209 5.51 -0.84 12.16
CA HIS B 209 4.42 -0.57 11.21
C HIS B 209 4.54 0.80 10.56
N ILE B 210 5.74 1.15 10.12
CA ILE B 210 5.96 2.40 9.41
C ILE B 210 6.62 2.12 8.05
N SER B 211 6.77 3.17 7.25
CA SER B 211 7.27 3.03 5.89
C SER B 211 8.72 2.54 5.84
N ASN B 212 8.96 1.57 4.95
CA ASN B 212 10.30 1.01 4.73
C ASN B 212 10.98 0.50 5.99
N SER B 213 10.20 -0.09 6.90
CA SER B 213 10.77 -0.61 8.15
C SER B 213 10.60 -2.11 8.25
N HIS B 214 11.59 -2.76 8.86
CA HIS B 214 11.55 -4.19 9.10
C HIS B 214 11.42 -4.46 10.60
N PRO B 215 10.78 -5.58 10.96
CA PRO B 215 10.62 -5.99 12.37
C PRO B 215 11.97 -6.12 13.07
N LEU B 216 12.08 -5.50 14.23
CA LEU B 216 13.33 -5.44 14.98
C LEU B 216 13.37 -6.45 16.11
N SER B 217 14.43 -7.24 16.17
CA SER B 217 14.63 -8.19 17.25
C SER B 217 15.61 -7.61 18.28
N LEU B 218 15.07 -7.16 19.41
CA LEU B 218 15.87 -6.46 20.41
C LEU B 218 15.82 -7.13 21.77
N THR B 219 16.87 -6.94 22.57
CA THR B 219 16.86 -7.39 23.96
C THR B 219 16.11 -6.37 24.81
N SER B 220 15.97 -6.66 26.10
CA SER B 220 15.23 -5.76 26.99
C SER B 220 15.98 -4.46 27.21
N ASP B 221 17.26 -4.56 27.58
CA ASP B 221 18.07 -3.38 27.82
C ASP B 221 18.34 -2.58 26.53
N GLN B 222 18.43 -3.28 25.41
CA GLN B 222 18.63 -2.64 24.12
C GLN B 222 17.41 -1.78 23.76
N TYR B 223 16.23 -2.33 23.97
CA TYR B 223 14.99 -1.62 23.70
C TYR B 223 14.87 -0.39 24.60
N LYS B 224 15.21 -0.55 25.88
CA LYS B 224 15.19 0.55 26.83
C LYS B 224 16.17 1.64 26.42
N ALA B 225 17.32 1.23 25.92
CA ALA B 225 18.36 2.17 25.50
C ALA B 225 17.91 2.98 24.30
N TYR B 226 17.31 2.31 23.32
CA TYR B 226 16.82 2.96 22.12
C TYR B 226 15.73 3.99 22.44
N LEU B 227 14.87 3.66 23.40
CA LEU B 227 13.83 4.58 23.84
C LEU B 227 14.44 5.82 24.49
N GLN B 228 15.43 5.62 25.33
CA GLN B 228 16.12 6.72 26.01
C GLN B 228 16.84 7.62 25.01
N ASP B 229 17.51 7.01 24.05
CA ASP B 229 18.23 7.76 23.01
C ASP B 229 17.25 8.58 22.19
N LEU B 230 16.03 8.06 22.05
CA LEU B 230 14.97 8.74 21.33
C LEU B 230 14.42 9.91 22.14
N VAL B 231 14.26 9.68 23.44
CA VAL B 231 13.76 10.71 24.36
C VAL B 231 14.63 11.96 24.34
N GLU B 232 15.94 11.75 24.42
CA GLU B 232 16.89 12.87 24.45
C GLU B 232 16.91 13.63 23.12
N GLY B 233 16.42 13.00 22.07
CA GLY B 233 16.39 13.62 20.75
C GLY B 233 15.09 14.35 20.47
N MET B 234 14.18 14.34 21.45
CA MET B 234 12.89 15.00 21.29
C MET B 234 12.82 16.31 22.08
N ASP B 235 11.91 17.19 21.67
CA ASP B 235 11.75 18.48 22.33
C ASP B 235 10.88 18.34 23.58
N PHE B 236 11.19 19.15 24.59
CA PHE B 236 10.44 19.15 25.84
C PHE B 236 10.33 20.55 26.43
N GLN B 237 9.74 20.65 27.61
CA GLN B 237 9.57 21.92 28.29
C GLN B 237 10.13 21.88 29.71
N SER C 1 -18.92 2.53 -3.40
CA SER C 1 -18.74 3.89 -2.89
C SER C 1 -18.57 4.03 -1.36
N GLY C 2 -19.43 3.42 -0.53
CA GLY C 2 -20.46 2.46 -0.90
C GLY C 2 -19.83 1.08 -0.94
N CYS C 3 -20.44 0.16 -1.68
CA CYS C 3 -19.79 -1.09 -2.01
C CYS C 3 -18.88 -0.82 -3.18
N PHE C 4 -18.01 -1.78 -3.50
CA PHE C 4 -17.16 -1.65 -4.67
C PHE C 4 -17.54 -2.72 -5.69
N GLU C 5 -18.45 -2.34 -6.58
CA GLU C 5 -19.06 -3.27 -7.52
C GLU C 5 -18.05 -3.79 -8.55
N ASP C 6 -18.20 -5.07 -8.89
CA ASP C 6 -17.46 -5.72 -9.96
C ASP C 6 -15.95 -5.69 -9.75
N LEU C 7 -15.53 -5.73 -8.50
CA LEU C 7 -14.11 -5.87 -8.19
C LEU C 7 -13.79 -7.33 -7.87
N ALA C 8 -12.59 -7.75 -8.20
CA ALA C 8 -12.16 -9.12 -7.95
C ALA C 8 -11.31 -9.19 -6.68
N ILE C 9 -11.95 -8.94 -5.54
CA ILE C 9 -11.27 -8.97 -4.25
C ILE C 9 -11.98 -9.88 -3.26
N SEP C 10 -11.25 -10.87 -2.75
CA SEP C 10 -11.82 -11.80 -1.77
CB SEP C 10 -10.99 -13.07 -1.67
OG SEP C 10 -9.71 -12.81 -1.10
C SEP C 10 -11.96 -11.13 -0.41
O SEP C 10 -11.23 -10.18 -0.11
P SEP C 10 -8.91 -14.20 -0.90
O1P SEP C 10 -8.85 -15.00 -2.30
O2P SEP C 10 -9.64 -15.10 0.20
O3P SEP C 10 -7.41 -13.86 -0.41
N ALA C 11 -12.89 -11.63 0.40
CA ALA C 11 -13.19 -11.02 1.69
C ALA C 11 -11.98 -11.01 2.63
N SER C 12 -11.93 -9.99 3.49
CA SER C 12 -10.80 -9.80 4.39
C SER C 12 -10.84 -10.78 5.57
N THR C 13 -9.67 -11.12 6.08
CA THR C 13 -9.53 -12.04 7.21
C THR C 13 -8.11 -11.99 7.76
N SER C 14 -7.98 -11.84 9.07
CA SER C 14 -6.67 -11.82 9.71
C SER C 14 -6.76 -12.27 11.18
N CYS D 3 -34.81 20.05 11.70
CA CYS D 3 -35.21 18.67 11.94
C CYS D 3 -34.27 18.00 12.93
N PHE D 4 -33.11 18.60 13.15
CA PHE D 4 -32.09 18.02 14.03
C PHE D 4 -31.58 19.02 15.06
N GLU D 5 -31.62 18.63 16.33
CA GLU D 5 -31.13 19.46 17.42
C GLU D 5 -31.00 18.61 18.70
N ASP D 6 -30.07 18.98 19.59
CA ASP D 6 -29.15 20.09 19.38
C ASP D 6 -27.74 19.58 19.17
N LEU D 7 -27.45 19.15 17.95
CA LEU D 7 -26.13 18.67 17.57
C LEU D 7 -25.11 19.81 17.62
N ALA D 8 -23.86 19.47 17.91
CA ALA D 8 -22.80 20.46 17.91
C ALA D 8 -22.32 20.74 16.49
N ILE D 9 -23.19 21.37 15.70
CA ILE D 9 -22.90 21.69 14.31
C ILE D 9 -23.31 23.14 14.01
N SEP D 10 -22.49 23.86 13.22
CA SEP D 10 -22.74 25.27 12.94
CB SEP D 10 -21.44 26.08 13.01
OG SEP D 10 -20.47 25.63 12.08
C SEP D 10 -23.45 25.53 11.60
O SEP D 10 -23.88 24.59 10.93
P SEP D 10 -19.03 26.25 12.44
O1P SEP D 10 -17.89 25.59 11.52
O2P SEP D 10 -19.05 27.85 12.21
O3P SEP D 10 -18.70 25.95 14.00
N ALA D 11 -23.57 26.81 11.24
CA ALA D 11 -24.32 27.23 10.05
C ALA D 11 -23.61 26.90 8.73
N SER D 12 -24.40 26.60 7.70
CA SER D 12 -23.89 26.17 6.41
C SER D 12 -23.06 27.22 5.66
N THR D 13 -21.74 27.17 5.87
CA THR D 13 -20.81 27.94 5.07
C THR D 13 -20.38 27.11 3.87
N SER D 14 -20.54 27.68 2.68
CA SER D 14 -20.14 27.04 1.43
C SER D 14 -20.23 28.06 0.30
N LEU D 15 -21.44 28.28 -0.18
CA LEU D 15 -21.71 29.21 -1.26
C LEU D 15 -22.90 30.10 -0.92
N GLY D 16 -23.12 31.13 -1.73
CA GLY D 16 -24.31 31.93 -1.63
C GLY D 16 -25.19 31.65 -2.84
N TRP D 17 -26.48 31.95 -2.73
CA TRP D 17 -27.41 31.77 -3.84
C TRP D 17 -27.05 32.72 -4.98
N GLY D 18 -27.01 32.21 -6.20
CA GLY D 18 -27.31 30.81 -6.47
C GLY D 18 -27.46 30.53 -7.96
#